data_1YCP
#
_entry.id   1YCP
#
_cell.length_a   88.270
_cell.length_b   88.270
_cell.length_c   195.530
_cell.angle_alpha   90.00
_cell.angle_beta   90.00
_cell.angle_gamma   90.00
#
_symmetry.space_group_name_H-M   'P 43 21 2'
#
loop_
_entity.id
_entity.type
_entity.pdbx_description
1 polymer 'EPSILON THROMBIN'
2 polymer 'ALPHA THROMBIN'
3 polymer 'FIBRINOPEPTIDE A-ALPHA'
4 polymer 'EPSILON THROMBIN'
5 polymer 'EPSILON THROMBIN'
6 water water
#
loop_
_entity_poly.entity_id
_entity_poly.type
_entity_poly.pdbx_seq_one_letter_code
_entity_poly.pdbx_strand_id
1 'polypeptide(L)' TSEDHFQPFFNEKTFGAGEADCGLRPLFEKKQVQDQTEKELFESYIEGR L,J
2 'polypeptide(L)'
;IVEGQDAEVGLSPWQVMLFRKSPQELLCGASLISDRWVLTAAHCLLYPPWDKNFTVDDLLVRIGKHSRTRYERKVEKISM
LDKIYIHPRYNWKENLDRDIALLKLKRPIELSDYIHPVCLPDKQTAAKLLHAGFKGRVTGWGNRRETWTTSVAEVQPSVL
QVVNLPLVERPVCKASTRIRITDNMFCAGYKPGEGKRGDACEGDSGGPFVMKSPYNNRWYQMGIVSWGEGCDRDGKYGFY
THVFRLKKWIQKVIDRLGS
;
H
3 'polypeptide(L)' ADSGEGDYLAEGGGVRGPRVVER F,N
4 'polypeptide(L)'
;IVEGQDAEVGLSPWQVMLFRKSPQELLCGASLISDRWVLTAAHCLLYPPWDKNFTVDDLLVRIGKHSRTRYERKVEKISM
LDKIYIHPRYNWKENLDRDIALLKLKRPIELSDYIHPVCLPDKQTAAKLLHAGFKGRVTGWGNRRETWTT
;
K
5 'polypeptide(L)'
;SVAEVQPSVLQVVNLPLVERPVCKASTRIRITDNMFCAGYKPGEGKRGDACEGDSGGPFVMKSPYNNRWYQMGIVSWGEG
CDRDGKYGFYTHVFRLKKWIQKVIDRLGS
;
M
#
# COMPACT_ATOMS: atom_id res chain seq x y z
N ALA A 20 6.37 2.40 -9.34
CA ALA A 20 5.94 2.84 -10.71
C ALA A 20 6.74 2.13 -11.80
N ASP A 21 7.36 1.01 -11.45
CA ASP A 21 8.13 0.26 -12.43
C ASP A 21 7.26 -0.82 -13.08
N CYS A 22 5.97 -0.82 -12.74
CA CYS A 22 5.07 -1.81 -13.29
C CYS A 22 4.77 -1.42 -14.74
N GLY A 23 4.10 -2.31 -15.47
CA GLY A 23 3.73 -2.05 -16.84
C GLY A 23 4.78 -1.91 -17.92
N LEU A 24 5.96 -1.40 -17.60
CA LEU A 24 6.99 -1.20 -18.62
C LEU A 24 7.92 -2.39 -18.88
N ARG A 25 7.65 -3.10 -19.97
CA ARG A 25 8.43 -4.28 -20.37
C ARG A 25 9.90 -4.02 -20.69
N PRO A 26 10.82 -4.62 -19.90
CA PRO A 26 12.27 -4.47 -20.11
C PRO A 26 12.61 -4.68 -21.59
N LEU A 27 12.26 -5.85 -22.12
CA LEU A 27 12.56 -6.18 -23.50
C LEU A 27 11.75 -5.39 -24.54
N PHE A 28 10.91 -4.47 -24.08
CA PHE A 28 10.08 -3.66 -24.96
C PHE A 28 9.97 -2.20 -24.56
N GLU A 29 9.11 -1.92 -23.58
CA GLU A 29 8.92 -0.55 -23.12
C GLU A 29 10.21 0.14 -22.77
N LYS A 30 10.93 -0.43 -21.82
CA LYS A 30 12.19 0.13 -21.37
C LYS A 30 13.26 0.24 -22.49
N LYS A 31 13.11 -0.56 -23.55
CA LYS A 31 14.05 -0.56 -24.67
C LYS A 31 13.56 0.33 -25.80
N GLN A 32 12.28 0.66 -25.76
CA GLN A 32 11.66 1.49 -26.78
C GLN A 32 11.50 0.67 -28.06
N VAL A 33 10.85 -0.48 -27.92
CA VAL A 33 10.59 -1.37 -29.04
C VAL A 33 9.13 -1.77 -28.95
N GLN A 34 8.44 -1.88 -30.09
CA GLN A 34 7.03 -2.24 -30.08
C GLN A 34 6.87 -3.71 -30.46
N ASP A 35 5.87 -4.38 -29.87
CA ASP A 35 5.65 -5.80 -30.17
C ASP A 35 4.87 -5.95 -31.47
N GLN A 36 5.08 -7.07 -32.14
CA GLN A 36 4.44 -7.41 -33.41
C GLN A 36 2.96 -6.99 -33.59
N THR A 37 2.13 -7.10 -32.53
CA THR A 37 0.69 -6.75 -32.61
C THR A 37 0.17 -5.64 -31.68
N GLU A 38 1.08 -4.86 -31.11
CA GLU A 38 0.71 -3.77 -30.20
C GLU A 38 -0.02 -2.69 -30.97
N LYS A 39 0.42 -2.48 -32.21
CA LYS A 39 -0.14 -1.51 -33.12
C LYS A 39 -1.64 -1.74 -33.15
N GLU A 40 -1.97 -3.01 -33.35
CA GLU A 40 -3.34 -3.47 -33.43
C GLU A 40 -4.20 -2.89 -32.35
N LEU A 41 -3.83 -3.03 -31.09
CA LEU A 41 -4.60 -2.46 -29.98
C LEU A 41 -4.81 -0.95 -30.04
N PHE A 42 -3.77 -0.23 -30.46
CA PHE A 42 -3.83 1.23 -30.55
C PHE A 42 -4.80 1.77 -31.58
N GLU A 43 -5.03 1.04 -32.67
CA GLU A 43 -6.01 1.46 -33.68
C GLU A 43 -7.41 1.51 -33.06
N SER A 44 -7.88 0.37 -32.57
CA SER A 44 -9.19 0.26 -31.95
C SER A 44 -9.54 1.42 -31.04
N TYR A 45 -8.51 2.10 -30.51
CA TYR A 45 -8.71 3.26 -29.65
C TYR A 45 -9.26 4.35 -30.54
N ILE A 46 -8.50 4.76 -31.54
CA ILE A 46 -9.01 5.78 -32.43
C ILE A 46 -9.78 5.09 -33.55
N GLU A 47 -10.85 4.41 -33.16
CA GLU A 47 -11.67 3.65 -34.09
C GLU A 47 -12.91 4.35 -34.59
N GLY A 48 -13.07 4.31 -35.92
CA GLY A 48 -14.20 4.92 -36.57
C GLY A 48 -14.35 6.40 -36.26
N ILE B 1 -5.37 -20.62 -25.93
CA ILE B 1 -5.87 -19.45 -26.70
C ILE B 1 -6.27 -19.96 -28.08
N VAL B 2 -7.50 -19.70 -28.47
CA VAL B 2 -8.03 -20.13 -29.76
C VAL B 2 -7.84 -19.03 -30.80
N GLU B 3 -7.15 -19.38 -31.87
CA GLU B 3 -6.91 -18.47 -32.98
C GLU B 3 -5.93 -17.34 -32.64
N GLY B 4 -4.84 -17.69 -31.96
CA GLY B 4 -3.81 -16.73 -31.63
C GLY B 4 -2.51 -17.00 -32.38
N GLN B 5 -1.39 -16.58 -31.84
CA GLN B 5 -0.10 -16.86 -32.46
C GLN B 5 0.94 -16.90 -31.36
N ASP B 6 2.15 -17.36 -31.68
CA ASP B 6 3.20 -17.42 -30.68
C ASP B 6 3.52 -16.01 -30.19
N ALA B 7 3.97 -15.89 -28.96
CA ALA B 7 4.34 -14.59 -28.44
C ALA B 7 5.87 -14.44 -28.58
N GLU B 8 6.31 -13.19 -28.68
CA GLU B 8 7.72 -12.81 -28.77
C GLU B 8 8.22 -12.95 -27.34
N VAL B 9 9.38 -13.57 -27.13
CA VAL B 9 9.82 -13.73 -25.74
C VAL B 9 10.12 -12.38 -25.11
N GLY B 10 9.53 -12.19 -23.94
CA GLY B 10 9.66 -10.95 -23.23
C GLY B 10 8.39 -10.13 -23.44
N LEU B 11 7.38 -10.76 -24.03
CA LEU B 11 6.11 -10.10 -24.32
C LEU B 11 5.21 -9.86 -23.11
N SER B 12 5.08 -10.89 -22.27
CA SER B 12 4.23 -10.86 -21.07
C SER B 12 4.99 -11.39 -19.86
N PRO B 13 5.73 -10.52 -19.13
CA PRO B 13 6.53 -10.83 -17.93
C PRO B 13 5.68 -11.31 -16.75
N TRP B 14 4.57 -10.62 -16.54
CA TRP B 14 3.60 -10.90 -15.50
C TRP B 14 2.82 -12.17 -15.81
N GLN B 15 3.42 -13.13 -16.51
CA GLN B 15 2.71 -14.35 -16.88
C GLN B 15 3.24 -15.55 -16.10
N VAL B 16 2.50 -15.96 -15.07
CA VAL B 16 2.82 -17.11 -14.23
C VAL B 16 2.05 -18.33 -14.72
N MET B 17 2.64 -19.50 -14.52
CA MET B 17 2.02 -20.75 -14.89
C MET B 17 1.62 -21.29 -13.53
N LEU B 18 0.36 -21.69 -13.37
CA LEU B 18 -0.12 -22.24 -12.11
C LEU B 18 -0.01 -23.75 -12.32
N PHE B 19 0.98 -24.35 -11.67
CA PHE B 19 1.28 -25.76 -11.86
C PHE B 19 0.97 -26.53 -10.58
N ARG B 20 0.81 -27.84 -10.71
CA ARG B 20 0.56 -28.69 -9.57
C ARG B 20 1.81 -29.56 -9.32
N LYS B 21 2.13 -29.73 -8.03
CA LYS B 21 3.29 -30.46 -7.54
C LYS B 21 3.54 -31.90 -8.02
N SER B 22 2.57 -32.79 -7.81
CA SER B 22 2.73 -34.17 -8.26
C SER B 22 1.39 -34.84 -8.45
N PRO B 23 1.13 -35.39 -9.66
CA PRO B 23 2.06 -35.39 -10.80
C PRO B 23 2.02 -33.98 -11.36
N GLN B 24 3.15 -33.52 -11.87
CA GLN B 24 3.25 -32.18 -12.44
C GLN B 24 2.09 -31.99 -13.40
N GLU B 25 1.52 -30.77 -13.46
CA GLU B 25 0.34 -30.54 -14.32
C GLU B 25 0.00 -29.04 -14.30
N LEU B 26 -0.35 -28.49 -15.45
CA LEU B 26 -0.72 -27.08 -15.55
C LEU B 26 -2.19 -26.99 -15.14
N LEU B 27 -2.56 -25.96 -14.38
CA LEU B 27 -3.97 -25.81 -13.98
C LEU B 27 -4.51 -24.52 -14.53
N CYS B 28 -3.68 -23.48 -14.55
CA CYS B 28 -4.15 -22.20 -15.02
C CYS B 28 -3.05 -21.20 -15.34
N GLY B 29 -3.53 -19.97 -15.41
CA GLY B 29 -2.68 -18.84 -15.63
C GLY B 29 -2.86 -18.00 -14.39
N ALA B 30 -1.97 -17.03 -14.25
CA ALA B 30 -2.00 -16.11 -13.14
C ALA B 30 -1.06 -15.07 -13.66
N SER B 31 -0.82 -14.06 -12.82
CA SER B 31 0.04 -12.96 -13.17
C SER B 31 0.84 -12.38 -11.99
N LEU B 32 1.96 -11.78 -12.32
CA LEU B 32 2.83 -11.14 -11.33
C LEU B 32 2.37 -9.67 -11.10
N ILE B 33 1.88 -9.36 -9.90
CA ILE B 33 1.41 -8.00 -9.57
C ILE B 33 2.34 -7.29 -8.58
N SER B 34 3.41 -7.99 -8.23
CA SER B 34 4.42 -7.52 -7.28
C SER B 34 5.53 -8.58 -7.31
N ASP B 35 6.42 -8.59 -6.31
CA ASP B 35 7.48 -9.58 -6.27
C ASP B 35 7.20 -10.71 -5.26
N ARG B 36 6.01 -10.68 -4.67
CA ARG B 36 5.59 -11.70 -3.71
C ARG B 36 4.11 -12.07 -3.94
N TRP B 37 3.40 -11.29 -4.75
CA TRP B 37 1.96 -11.53 -4.97
C TRP B 37 1.55 -11.92 -6.36
N VAL B 38 0.71 -12.94 -6.45
CA VAL B 38 0.22 -13.46 -7.71
C VAL B 38 -1.32 -13.43 -7.75
N LEU B 39 -1.87 -13.04 -8.89
CA LEU B 39 -3.32 -12.95 -9.03
C LEU B 39 -3.82 -14.06 -9.94
N THR B 40 -4.91 -14.68 -9.55
CA THR B 40 -5.45 -15.74 -10.37
C THR B 40 -6.94 -15.83 -10.11
N ALA B 41 -7.59 -16.75 -10.83
CA ALA B 41 -9.01 -17.00 -10.67
C ALA B 41 -9.19 -18.04 -9.57
N ALA B 42 -10.18 -17.79 -8.72
CA ALA B 42 -10.53 -18.67 -7.63
C ALA B 42 -10.92 -20.08 -8.08
N HIS B 43 -11.56 -20.20 -9.24
CA HIS B 43 -12.00 -21.53 -9.69
C HIS B 43 -10.85 -22.42 -9.98
N CYS B 44 -9.66 -21.83 -10.08
CA CYS B 44 -8.45 -22.59 -10.34
C CYS B 44 -8.07 -23.36 -9.07
N LEU B 45 -8.53 -22.86 -7.93
CA LEU B 45 -8.22 -23.45 -6.64
C LEU B 45 -9.39 -24.24 -6.02
N LEU B 46 -10.55 -23.58 -5.94
CA LEU B 46 -11.74 -24.15 -5.37
C LEU B 46 -12.90 -24.14 -6.33
N TYR B 47 -13.31 -25.32 -6.78
CA TYR B 47 -14.47 -25.47 -7.65
C TYR B 47 -15.02 -26.83 -7.26
N PRO B 48 -15.78 -26.86 -6.17
CA PRO B 48 -16.40 -28.05 -5.60
C PRO B 48 -17.03 -29.07 -6.56
N PRO B 49 -17.81 -28.60 -7.56
CA PRO B 49 -18.50 -29.47 -8.54
C PRO B 49 -17.63 -30.50 -9.25
N TRP B 50 -16.32 -30.26 -9.24
CA TRP B 50 -15.39 -31.17 -9.87
C TRP B 50 -14.40 -31.75 -8.85
N ASP B 51 -14.73 -31.58 -7.57
CA ASP B 51 -13.93 -32.10 -6.46
C ASP B 51 -12.62 -31.35 -6.33
N LYS B 52 -12.55 -30.21 -7.02
CA LYS B 52 -11.35 -29.39 -7.05
C LYS B 52 -11.19 -28.48 -5.84
N ASN B 53 -10.11 -28.67 -5.08
CA ASN B 53 -9.81 -27.81 -3.92
C ASN B 53 -8.35 -27.95 -3.58
N PHE B 54 -7.57 -26.93 -3.95
CA PHE B 54 -6.13 -26.97 -3.72
C PHE B 54 -5.62 -26.22 -2.47
N THR B 55 -4.56 -26.75 -1.88
CA THR B 55 -3.91 -26.18 -0.68
C THR B 55 -2.56 -25.57 -1.08
N VAL B 56 -1.95 -24.79 -0.19
CA VAL B 56 -0.64 -24.20 -0.52
C VAL B 56 0.34 -25.29 -0.83
N ASP B 57 0.19 -26.44 -0.18
CA ASP B 57 1.12 -27.53 -0.40
C ASP B 57 0.65 -28.50 -1.46
N ASP B 58 0.17 -27.94 -2.56
CA ASP B 58 -0.32 -28.71 -3.70
C ASP B 58 0.15 -28.10 -5.00
N LEU B 59 0.66 -26.88 -4.90
CA LEU B 59 1.06 -26.13 -6.06
C LEU B 59 2.49 -25.60 -6.04
N LEU B 60 2.85 -25.05 -7.20
CA LEU B 60 4.10 -24.42 -7.48
C LEU B 60 3.69 -23.36 -8.50
N VAL B 61 4.62 -22.49 -8.84
CA VAL B 61 4.41 -21.45 -9.84
C VAL B 61 5.69 -21.32 -10.59
N ARG B 62 5.60 -21.38 -11.90
CA ARG B 62 6.77 -21.24 -12.73
C ARG B 62 6.60 -19.83 -13.33
N ILE B 63 7.25 -18.87 -12.70
CA ILE B 63 7.16 -17.47 -13.10
C ILE B 63 8.19 -17.13 -14.19
N GLY B 64 7.77 -16.44 -15.23
CA GLY B 64 8.71 -16.08 -16.29
C GLY B 64 9.14 -17.24 -17.14
N LYS B 65 8.28 -17.64 -18.10
CA LYS B 65 8.58 -18.76 -18.97
C LYS B 65 8.12 -18.44 -20.38
N HIS B 66 8.50 -19.30 -21.31
CA HIS B 66 8.15 -19.13 -22.72
C HIS B 66 7.69 -20.46 -23.35
N SER B 67 8.51 -21.50 -23.22
CA SER B 67 8.15 -22.81 -23.73
C SER B 67 7.39 -23.44 -22.57
N ARG B 68 6.19 -23.90 -22.85
CA ARG B 68 5.33 -24.50 -21.84
C ARG B 68 5.91 -25.73 -21.12
N THR B 69 6.82 -26.44 -21.76
CA THR B 69 7.35 -27.67 -21.20
C THR B 69 8.83 -27.68 -20.84
N ARG B 70 9.67 -27.30 -21.79
CA ARG B 70 11.10 -27.24 -21.59
C ARG B 70 11.36 -26.24 -20.47
N TYR B 71 11.72 -26.73 -19.28
CA TYR B 71 11.99 -25.80 -18.18
C TYR B 71 13.27 -25.06 -18.48
N GLU B 72 13.10 -23.80 -18.86
CA GLU B 72 14.18 -22.90 -19.21
C GLU B 72 14.91 -22.46 -17.95
N ARG B 73 15.74 -23.38 -17.49
CA ARG B 73 16.58 -23.29 -16.30
C ARG B 73 17.14 -21.93 -15.84
N LYS B 74 17.83 -21.21 -16.71
CA LYS B 74 18.39 -19.93 -16.29
C LYS B 74 17.68 -18.67 -16.81
N VAL B 75 16.36 -18.64 -16.61
CA VAL B 75 15.50 -17.52 -16.98
C VAL B 75 14.17 -17.68 -16.24
N GLU B 76 13.84 -18.91 -15.81
CA GLU B 76 12.58 -19.15 -15.10
C GLU B 76 12.71 -19.35 -13.61
N LYS B 77 11.66 -19.03 -12.86
CA LYS B 77 11.67 -19.13 -11.40
C LYS B 77 10.52 -19.94 -10.81
N ILE B 78 10.80 -21.06 -10.17
CA ILE B 78 9.72 -21.82 -9.55
C ILE B 78 9.65 -21.33 -8.11
N SER B 79 8.47 -21.44 -7.49
CA SER B 79 8.27 -21.00 -6.11
C SER B 79 7.09 -21.73 -5.48
N MET B 80 7.09 -21.81 -4.15
CA MET B 80 6.01 -22.45 -3.41
C MET B 80 5.22 -21.29 -2.84
N LEU B 81 4.02 -21.56 -2.37
CA LEU B 81 3.14 -20.54 -1.84
C LEU B 81 3.17 -20.52 -0.33
N ASP B 82 2.77 -19.39 0.22
CA ASP B 82 2.73 -19.20 1.65
C ASP B 82 1.27 -19.26 2.03
N LYS B 83 0.45 -18.52 1.27
CA LYS B 83 -1.00 -18.45 1.49
C LYS B 83 -1.78 -18.42 0.18
N ILE B 84 -3.09 -18.56 0.30
CA ILE B 84 -4.00 -18.53 -0.82
C ILE B 84 -5.18 -17.78 -0.26
N TYR B 85 -5.49 -16.64 -0.86
CA TYR B 85 -6.65 -15.84 -0.43
C TYR B 85 -7.62 -15.92 -1.59
N ILE B 86 -8.80 -16.40 -1.28
CA ILE B 86 -9.89 -16.55 -2.22
C ILE B 86 -11.02 -15.62 -1.73
N HIS B 87 -11.58 -14.82 -2.63
CA HIS B 87 -12.62 -13.89 -2.24
C HIS B 87 -13.65 -14.66 -1.45
N PRO B 88 -14.16 -14.07 -0.37
CA PRO B 88 -15.16 -14.71 0.49
C PRO B 88 -16.60 -14.68 -0.01
N ARG B 89 -16.82 -14.17 -1.21
CA ARG B 89 -18.19 -14.11 -1.74
C ARG B 89 -18.26 -14.63 -3.15
N TYR B 90 -17.23 -15.40 -3.49
CA TYR B 90 -17.05 -16.04 -4.78
C TYR B 90 -18.14 -17.07 -5.02
N ASN B 91 -19.03 -16.74 -5.93
CA ASN B 91 -20.18 -17.59 -6.26
C ASN B 91 -19.83 -18.76 -7.19
N TRP B 92 -19.34 -19.88 -6.68
CA TRP B 92 -19.02 -21.00 -7.59
C TRP B 92 -20.20 -21.86 -7.92
N LYS B 93 -21.23 -21.74 -7.09
CA LYS B 93 -22.46 -22.52 -7.16
C LYS B 93 -23.46 -22.07 -8.21
N GLU B 94 -23.34 -20.81 -8.58
CA GLU B 94 -24.27 -20.23 -9.50
C GLU B 94 -23.62 -19.59 -10.74
N ASN B 95 -22.99 -18.44 -10.60
CA ASN B 95 -22.41 -17.79 -11.78
C ASN B 95 -20.94 -17.46 -11.84
N LEU B 96 -20.16 -17.93 -10.85
CA LEU B 96 -18.70 -17.70 -10.75
C LEU B 96 -18.38 -16.25 -10.43
N ASP B 97 -19.34 -15.57 -9.79
CA ASP B 97 -19.22 -14.18 -9.41
C ASP B 97 -18.01 -14.01 -8.51
N ARG B 98 -17.25 -12.94 -8.70
CA ARG B 98 -16.06 -12.67 -7.90
C ARG B 98 -15.19 -13.91 -7.87
N ASP B 99 -14.65 -14.23 -9.03
CA ASP B 99 -13.79 -15.39 -9.23
C ASP B 99 -12.35 -14.87 -9.30
N ILE B 100 -11.85 -14.53 -8.13
CA ILE B 100 -10.54 -13.96 -7.97
C ILE B 100 -9.80 -14.62 -6.79
N ALA B 101 -8.49 -14.58 -6.83
CA ALA B 101 -7.69 -15.16 -5.78
C ALA B 101 -6.31 -14.54 -5.80
N LEU B 102 -5.72 -14.41 -4.63
CA LEU B 102 -4.39 -13.84 -4.51
C LEU B 102 -3.49 -14.84 -3.86
N LEU B 103 -2.43 -15.23 -4.58
CA LEU B 103 -1.44 -16.18 -4.10
C LEU B 103 -0.14 -15.55 -3.61
N LYS B 104 0.18 -15.80 -2.36
CA LYS B 104 1.37 -15.30 -1.69
C LYS B 104 2.59 -16.19 -2.02
N LEU B 105 3.73 -15.56 -2.27
CA LEU B 105 4.96 -16.29 -2.57
C LEU B 105 5.76 -16.51 -1.27
N LYS B 106 6.23 -17.75 -1.06
CA LYS B 106 7.02 -18.12 0.12
C LYS B 106 8.05 -17.03 0.43
N ARG B 107 8.83 -16.65 -0.57
CA ARG B 107 9.81 -15.58 -0.43
C ARG B 107 9.79 -14.85 -1.79
N PRO B 108 10.00 -13.51 -1.77
CA PRO B 108 10.02 -12.58 -2.93
C PRO B 108 10.59 -13.08 -4.25
N ILE B 109 10.59 -12.23 -5.27
CA ILE B 109 11.07 -12.68 -6.58
C ILE B 109 12.10 -11.75 -7.22
N GLU B 110 13.14 -12.33 -7.79
CA GLU B 110 14.16 -11.51 -8.42
C GLU B 110 13.71 -11.15 -9.81
N LEU B 111 13.12 -9.96 -9.93
CA LEU B 111 12.63 -9.44 -11.20
C LEU B 111 13.78 -9.59 -12.22
N SER B 112 13.42 -9.82 -13.48
CA SER B 112 14.41 -10.06 -14.50
C SER B 112 13.97 -9.39 -15.79
N ASP B 113 14.67 -9.66 -16.88
CA ASP B 113 14.29 -9.11 -18.19
C ASP B 113 13.06 -9.89 -18.68
N TYR B 114 12.76 -10.99 -17.99
CA TYR B 114 11.62 -11.83 -18.33
C TYR B 114 10.67 -12.00 -17.14
N ILE B 115 10.78 -11.13 -16.12
CA ILE B 115 9.91 -11.16 -14.93
C ILE B 115 9.77 -9.74 -14.42
N HIS B 116 8.54 -9.31 -14.14
CA HIS B 116 8.24 -7.93 -13.72
C HIS B 116 6.68 -7.89 -13.63
N PRO B 117 6.15 -7.11 -12.69
CA PRO B 117 4.71 -7.01 -12.54
C PRO B 117 3.96 -6.26 -13.66
N VAL B 118 2.64 -6.28 -13.55
CA VAL B 118 1.70 -5.64 -14.46
C VAL B 118 0.95 -4.65 -13.56
N CYS B 119 0.70 -3.45 -14.06
CA CYS B 119 0.01 -2.43 -13.28
C CYS B 119 -1.47 -2.69 -13.01
N LEU B 120 -1.92 -2.38 -11.79
CA LEU B 120 -3.34 -2.54 -11.44
C LEU B 120 -4.07 -1.30 -11.93
N PRO B 121 -5.38 -1.39 -12.18
CA PRO B 121 -6.16 -0.24 -12.67
C PRO B 121 -6.55 0.80 -11.64
N ASP B 122 -6.38 2.07 -11.97
CA ASP B 122 -6.79 3.14 -11.06
C ASP B 122 -8.04 3.74 -11.69
N LYS B 123 -8.89 4.34 -10.87
CA LYS B 123 -10.13 4.98 -11.32
C LYS B 123 -10.06 5.67 -12.68
N GLN B 124 -9.02 6.49 -12.85
CA GLN B 124 -8.78 7.25 -14.07
C GLN B 124 -8.55 6.37 -15.30
N THR B 125 -7.63 5.42 -15.18
CA THR B 125 -7.34 4.49 -16.29
C THR B 125 -8.58 3.68 -16.68
N ALA B 126 -9.21 3.07 -15.68
CA ALA B 126 -10.38 2.25 -15.85
C ALA B 126 -11.44 2.98 -16.64
N ALA B 127 -11.71 4.21 -16.24
CA ALA B 127 -12.73 5.07 -16.90
C ALA B 127 -12.52 5.31 -18.40
N LYS B 128 -11.30 5.63 -18.77
CA LYS B 128 -10.99 5.93 -20.15
C LYS B 128 -10.77 4.70 -21.04
N LEU B 129 -10.31 3.62 -20.42
CA LEU B 129 -10.00 2.41 -21.17
C LEU B 129 -11.10 1.36 -21.30
N LEU B 130 -12.06 1.34 -20.39
CA LEU B 130 -13.08 0.32 -20.54
C LEU B 130 -14.27 0.77 -21.36
N HIS B 131 -14.14 0.65 -22.69
CA HIS B 131 -15.19 0.98 -23.64
C HIS B 131 -15.29 -0.08 -24.71
N ALA B 132 -16.52 -0.50 -25.01
CA ALA B 132 -16.77 -1.52 -26.02
C ALA B 132 -16.09 -1.15 -27.31
N GLY B 133 -15.49 -2.15 -27.95
CA GLY B 133 -14.77 -1.93 -29.19
C GLY B 133 -13.29 -1.81 -28.82
N PHE B 134 -13.03 -1.36 -27.61
CA PHE B 134 -11.65 -1.27 -27.17
C PHE B 134 -11.13 -2.69 -26.88
N LYS B 135 -10.11 -3.05 -27.65
CA LYS B 135 -9.37 -4.31 -27.57
C LYS B 135 -8.31 -4.39 -26.46
N GLY B 136 -8.27 -5.54 -25.81
CA GLY B 136 -7.29 -5.81 -24.78
C GLY B 136 -6.64 -7.10 -25.24
N ARG B 137 -5.71 -7.63 -24.46
CA ARG B 137 -5.02 -8.86 -24.84
C ARG B 137 -4.96 -10.03 -23.83
N VAL B 138 -4.99 -11.23 -24.37
CA VAL B 138 -4.95 -12.45 -23.60
C VAL B 138 -3.76 -13.31 -24.07
N THR B 139 -3.03 -13.88 -23.10
CA THR B 139 -1.88 -14.77 -23.38
C THR B 139 -2.14 -16.03 -22.56
N GLY B 140 -1.58 -17.16 -22.97
CA GLY B 140 -1.79 -18.39 -22.20
C GLY B 140 -1.20 -19.59 -22.90
N TRP B 141 -1.02 -20.68 -22.16
CA TRP B 141 -0.48 -21.89 -22.78
C TRP B 141 -1.55 -22.94 -22.98
N GLY B 142 -2.78 -22.58 -22.62
CA GLY B 142 -3.88 -23.50 -22.75
C GLY B 142 -4.23 -23.80 -24.20
N ASN B 143 -5.11 -24.79 -24.36
CA ASN B 143 -5.60 -25.27 -25.65
C ASN B 143 -5.89 -24.24 -26.74
N ARG B 144 -5.49 -24.59 -27.96
CA ARG B 144 -5.69 -23.74 -29.12
C ARG B 144 -6.92 -24.19 -29.86
N ARG B 145 -7.71 -25.01 -29.18
CA ARG B 145 -8.93 -25.53 -29.75
C ARG B 145 -9.78 -26.17 -28.66
N GLU B 146 -11.09 -26.14 -28.90
CA GLU B 146 -12.09 -26.69 -28.02
C GLU B 146 -12.03 -28.17 -28.33
N VAL B 155 -3.10 -29.88 -29.66
CA VAL B 155 -4.24 -29.02 -29.24
C VAL B 155 -3.73 -27.94 -28.29
N GLN B 156 -2.44 -28.05 -27.96
CA GLN B 156 -1.80 -27.07 -27.07
C GLN B 156 -0.50 -26.58 -27.67
N PRO B 157 -0.28 -25.28 -27.56
CA PRO B 157 0.92 -24.65 -28.09
C PRO B 157 2.19 -25.13 -27.45
N SER B 158 3.28 -24.91 -28.17
CA SER B 158 4.61 -25.27 -27.73
C SER B 158 5.17 -24.04 -27.01
N VAL B 159 4.64 -22.88 -27.39
CA VAL B 159 5.05 -21.58 -26.86
C VAL B 159 3.82 -20.77 -26.44
N LEU B 160 4.06 -19.73 -25.67
CA LEU B 160 2.97 -18.86 -25.21
C LEU B 160 2.25 -18.29 -26.46
N GLN B 161 0.94 -18.10 -26.33
CA GLN B 161 0.10 -17.58 -27.41
C GLN B 161 -0.48 -16.22 -27.05
N VAL B 162 -0.91 -15.48 -28.07
CA VAL B 162 -1.53 -14.17 -27.87
C VAL B 162 -2.67 -13.95 -28.82
N VAL B 163 -3.65 -13.20 -28.35
CA VAL B 163 -4.83 -12.88 -29.12
C VAL B 163 -5.24 -11.54 -28.52
N ASN B 164 -5.65 -10.60 -29.37
CA ASN B 164 -6.08 -9.29 -28.90
C ASN B 164 -7.55 -9.22 -29.28
N LEU B 165 -8.39 -9.11 -28.24
CA LEU B 165 -9.84 -9.12 -28.34
C LEU B 165 -10.53 -7.88 -27.84
N PRO B 166 -11.58 -7.46 -28.55
CA PRO B 166 -12.37 -6.27 -28.21
C PRO B 166 -13.35 -6.50 -27.06
N LEU B 167 -13.55 -5.49 -26.23
CA LEU B 167 -14.49 -5.51 -25.13
C LEU B 167 -15.87 -5.37 -25.74
N VAL B 168 -16.76 -6.31 -25.45
CA VAL B 168 -18.11 -6.28 -26.00
C VAL B 168 -18.93 -5.47 -25.00
N GLU B 169 -20.05 -4.90 -25.45
CA GLU B 169 -20.88 -4.07 -24.58
C GLU B 169 -21.82 -4.86 -23.70
N ARG B 170 -21.98 -4.35 -22.48
CA ARG B 170 -22.81 -4.95 -21.45
C ARG B 170 -24.11 -5.69 -21.91
N PRO B 171 -24.97 -5.06 -22.75
CA PRO B 171 -26.21 -5.68 -23.22
C PRO B 171 -26.06 -6.91 -24.14
N VAL B 172 -25.05 -6.87 -25.00
CA VAL B 172 -24.75 -7.96 -25.93
C VAL B 172 -24.19 -9.20 -25.15
N CYS B 173 -23.35 -8.97 -24.13
CA CYS B 173 -22.81 -10.07 -23.30
C CYS B 173 -23.96 -10.78 -22.62
N LYS B 174 -24.86 -10.00 -22.03
CA LYS B 174 -26.03 -10.51 -21.32
C LYS B 174 -27.02 -11.19 -22.24
N ALA B 175 -27.09 -10.77 -23.50
CA ALA B 175 -28.04 -11.38 -24.43
C ALA B 175 -27.60 -12.74 -24.91
N SER B 176 -26.30 -13.00 -24.87
CA SER B 176 -25.73 -14.27 -25.32
C SER B 176 -25.83 -15.48 -24.38
N THR B 177 -25.74 -15.24 -23.07
CA THR B 177 -25.83 -16.33 -22.12
C THR B 177 -27.15 -16.25 -21.35
N ARG B 178 -27.40 -17.25 -20.49
CA ARG B 178 -28.58 -17.22 -19.63
C ARG B 178 -28.13 -17.22 -18.19
N ILE B 179 -26.82 -17.02 -18.05
CA ILE B 179 -26.14 -16.91 -16.76
C ILE B 179 -26.36 -15.47 -16.25
N ARG B 180 -26.68 -15.35 -14.97
CA ARG B 180 -26.84 -14.04 -14.40
C ARG B 180 -25.43 -13.44 -14.41
N ILE B 181 -25.26 -12.36 -15.14
CA ILE B 181 -24.00 -11.65 -15.26
C ILE B 181 -23.98 -10.54 -14.20
N THR B 182 -22.83 -10.31 -13.56
CA THR B 182 -22.75 -9.28 -12.53
C THR B 182 -21.78 -8.17 -12.84
N ASP B 183 -21.88 -7.10 -12.05
CA ASP B 183 -21.02 -5.93 -12.15
C ASP B 183 -19.59 -6.30 -12.20
N ASN B 184 -19.26 -7.38 -11.48
CA ASN B 184 -17.90 -7.90 -11.37
C ASN B 184 -17.29 -8.67 -12.57
N MET B 185 -18.06 -8.79 -13.66
CA MET B 185 -17.57 -9.47 -14.86
C MET B 185 -17.88 -8.66 -16.10
N PHE B 186 -17.03 -8.79 -17.12
CA PHE B 186 -17.24 -8.14 -18.40
C PHE B 186 -16.92 -9.22 -19.44
N CYS B 187 -17.24 -9.02 -20.71
CA CYS B 187 -16.88 -10.02 -21.71
C CYS B 187 -16.19 -9.38 -22.88
N ALA B 188 -15.44 -10.17 -23.61
CA ALA B 188 -14.69 -9.68 -24.74
C ALA B 188 -14.80 -10.71 -25.85
N GLY B 189 -14.65 -10.26 -27.07
CA GLY B 189 -14.75 -11.17 -28.17
C GLY B 189 -15.29 -10.46 -29.39
N TYR B 190 -15.22 -11.15 -30.50
CA TYR B 190 -15.68 -10.62 -31.76
C TYR B 190 -17.09 -11.12 -31.91
N LYS B 191 -17.93 -10.32 -32.55
CA LYS B 191 -19.32 -10.70 -32.76
C LYS B 191 -19.36 -11.47 -34.10
N PRO B 192 -20.45 -12.24 -34.34
CA PRO B 192 -20.56 -13.01 -35.58
C PRO B 192 -20.15 -12.32 -36.91
N GLY B 193 -20.53 -11.07 -37.12
CA GLY B 193 -20.20 -10.48 -38.40
C GLY B 193 -18.81 -9.93 -38.67
N GLU B 194 -17.88 -10.08 -37.73
CA GLU B 194 -16.56 -9.53 -37.91
C GLU B 194 -15.52 -10.37 -38.63
N GLY B 195 -15.80 -11.66 -38.83
CA GLY B 195 -14.85 -12.53 -39.52
C GLY B 195 -13.43 -12.32 -39.02
N LYS B 196 -13.32 -12.37 -37.70
CA LYS B 196 -12.06 -12.21 -36.98
C LYS B 196 -12.36 -13.17 -35.86
N ARG B 197 -11.37 -13.94 -35.43
CA ARG B 197 -11.58 -14.90 -34.34
C ARG B 197 -10.66 -14.76 -33.14
N GLY B 198 -10.89 -15.56 -32.11
CA GLY B 198 -10.04 -15.50 -30.94
C GLY B 198 -10.81 -15.80 -29.69
N ASP B 199 -10.15 -16.37 -28.70
CA ASP B 199 -10.82 -16.70 -27.46
C ASP B 199 -9.77 -17.35 -26.55
N ALA B 200 -10.14 -17.56 -25.29
CA ALA B 200 -9.28 -18.23 -24.34
C ALA B 200 -9.90 -19.60 -24.29
N CYS B 201 -9.18 -20.56 -23.74
CA CYS B 201 -9.68 -21.90 -23.70
C CYS B 201 -9.13 -22.58 -22.45
N GLU B 202 -9.38 -23.89 -22.29
CA GLU B 202 -8.93 -24.65 -21.13
C GLU B 202 -7.48 -24.43 -20.76
N GLY B 203 -7.26 -23.97 -19.54
CA GLY B 203 -5.93 -23.74 -19.07
C GLY B 203 -5.46 -22.31 -19.18
N ASP B 204 -6.17 -21.49 -19.96
CA ASP B 204 -5.82 -20.05 -20.09
C ASP B 204 -6.44 -19.42 -18.86
N SER B 205 -7.35 -20.18 -18.22
CA SER B 205 -8.05 -19.72 -17.01
C SER B 205 -7.09 -19.10 -16.01
N GLY B 206 -7.54 -18.06 -15.33
CA GLY B 206 -6.68 -17.37 -14.38
C GLY B 206 -5.67 -16.44 -15.05
N GLY B 207 -5.51 -16.58 -16.37
CA GLY B 207 -4.58 -15.74 -17.10
C GLY B 207 -5.06 -14.30 -17.08
N PRO B 208 -4.23 -13.35 -17.53
CA PRO B 208 -4.62 -11.96 -17.54
C PRO B 208 -5.10 -11.35 -18.87
N PHE B 209 -5.98 -10.37 -18.77
CA PHE B 209 -6.51 -9.62 -19.90
C PHE B 209 -5.95 -8.26 -19.53
N VAL B 210 -4.96 -7.82 -20.28
CA VAL B 210 -4.30 -6.53 -20.06
C VAL B 210 -4.60 -5.58 -21.22
N MET B 211 -4.53 -4.28 -20.95
CA MET B 211 -4.77 -3.26 -21.97
C MET B 211 -3.62 -2.26 -21.82
N LYS B 212 -3.12 -1.66 -22.91
CA LYS B 212 -2.05 -0.67 -22.73
C LYS B 212 -2.61 0.74 -22.71
N SER B 213 -2.11 1.55 -21.79
CA SER B 213 -2.55 2.93 -21.63
C SER B 213 -1.65 3.85 -22.44
N PRO B 214 -2.25 4.76 -23.25
CA PRO B 214 -1.56 5.74 -24.10
C PRO B 214 -0.79 6.85 -23.37
N TYR B 215 -1.36 7.33 -22.26
CA TYR B 215 -0.82 8.42 -21.44
C TYR B 215 0.65 8.13 -21.05
N ASN B 216 0.88 7.08 -20.27
CA ASN B 216 2.24 6.65 -19.97
C ASN B 216 2.32 5.44 -20.89
N ASN B 217 3.37 4.66 -20.83
CA ASN B 217 3.43 3.48 -21.73
C ASN B 217 3.13 2.17 -20.99
N ARG B 218 2.37 2.24 -19.89
CA ARG B 218 2.03 1.08 -19.04
C ARG B 218 0.89 0.13 -19.43
N TRP B 219 1.06 -1.14 -19.07
CA TRP B 219 0.04 -2.14 -19.32
C TRP B 219 -0.67 -2.31 -18.01
N TYR B 220 -1.99 -2.31 -18.06
CA TYR B 220 -2.78 -2.49 -16.86
C TYR B 220 -3.48 -3.84 -16.96
N GLN B 221 -3.72 -4.48 -15.82
CA GLN B 221 -4.46 -5.73 -15.83
C GLN B 221 -5.92 -5.39 -15.56
N MET B 222 -6.70 -5.47 -16.64
CA MET B 222 -8.12 -5.15 -16.64
C MET B 222 -9.02 -6.27 -16.16
N GLY B 223 -8.61 -7.51 -16.42
CA GLY B 223 -9.46 -8.61 -16.04
C GLY B 223 -8.76 -9.93 -16.03
N ILE B 224 -9.36 -10.87 -15.33
CA ILE B 224 -8.83 -12.23 -15.16
C ILE B 224 -9.71 -13.17 -15.95
N VAL B 225 -9.08 -14.03 -16.73
CA VAL B 225 -9.85 -14.98 -17.50
C VAL B 225 -10.62 -15.90 -16.57
N SER B 226 -11.93 -15.97 -16.81
CA SER B 226 -12.85 -16.72 -15.97
C SER B 226 -13.59 -17.92 -16.59
N TRP B 227 -14.60 -17.68 -17.40
CA TRP B 227 -15.36 -18.78 -17.99
C TRP B 227 -15.79 -18.43 -19.39
N GLY B 228 -16.42 -19.40 -20.06
CA GLY B 228 -16.94 -19.23 -21.41
C GLY B 228 -17.74 -20.47 -21.77
N GLU B 229 -18.63 -20.38 -22.73
CA GLU B 229 -19.42 -21.55 -23.14
C GLU B 229 -18.78 -22.14 -24.40
N GLY B 230 -17.66 -22.81 -24.15
CA GLY B 230 -16.87 -23.44 -25.19
C GLY B 230 -15.64 -22.59 -25.40
N CYS B 231 -15.08 -22.64 -26.60
CA CYS B 231 -13.93 -21.85 -27.00
C CYS B 231 -14.08 -21.46 -28.45
N ASP B 232 -14.31 -20.17 -28.67
CA ASP B 232 -14.42 -19.59 -30.01
C ASP B 232 -15.67 -20.03 -30.77
N ARG B 233 -16.78 -19.96 -30.05
CA ARG B 233 -18.06 -20.31 -30.57
C ARG B 233 -18.71 -19.00 -31.12
N ASP B 234 -19.41 -19.09 -32.24
CA ASP B 234 -20.08 -17.92 -32.79
C ASP B 234 -21.20 -17.48 -31.87
N GLY B 235 -21.31 -16.17 -31.66
CA GLY B 235 -22.38 -15.64 -30.83
C GLY B 235 -22.26 -15.91 -29.35
N LYS B 236 -21.06 -16.29 -28.92
CA LYS B 236 -20.76 -16.58 -27.52
C LYS B 236 -19.52 -15.74 -27.26
N TYR B 237 -19.42 -15.19 -26.06
CA TYR B 237 -18.26 -14.37 -25.69
C TYR B 237 -17.60 -14.95 -24.44
N GLY B 238 -16.40 -14.46 -24.13
CA GLY B 238 -15.68 -14.98 -22.99
C GLY B 238 -15.76 -14.05 -21.82
N PHE B 239 -16.03 -14.56 -20.63
CA PHE B 239 -16.14 -13.73 -19.46
C PHE B 239 -14.86 -13.63 -18.64
N TYR B 240 -14.57 -12.40 -18.19
CA TYR B 240 -13.37 -12.03 -17.41
C TYR B 240 -13.75 -11.34 -16.11
N THR B 241 -12.93 -11.53 -15.07
CA THR B 241 -13.20 -10.89 -13.78
C THR B 241 -12.76 -9.45 -13.89
N HIS B 242 -13.61 -8.56 -13.41
CA HIS B 242 -13.39 -7.13 -13.43
C HIS B 242 -12.47 -6.76 -12.27
N VAL B 243 -11.17 -6.79 -12.52
CA VAL B 243 -10.16 -6.47 -11.50
C VAL B 243 -10.38 -5.17 -10.77
N PHE B 244 -10.66 -4.10 -11.52
CA PHE B 244 -10.85 -2.80 -10.90
C PHE B 244 -11.82 -2.80 -9.75
N ARG B 245 -12.95 -3.47 -9.97
CA ARG B 245 -14.04 -3.55 -9.01
C ARG B 245 -13.81 -4.41 -7.79
N LEU B 246 -12.91 -5.38 -7.90
CA LEU B 246 -12.58 -6.26 -6.79
C LEU B 246 -11.26 -5.81 -6.16
N LYS B 247 -10.73 -4.73 -6.72
CA LYS B 247 -9.48 -4.09 -6.29
C LYS B 247 -9.55 -3.62 -4.84
N LYS B 248 -10.77 -3.36 -4.37
CA LYS B 248 -11.00 -2.94 -3.01
C LYS B 248 -10.55 -4.09 -2.11
N TRP B 249 -10.95 -5.30 -2.48
CA TRP B 249 -10.60 -6.51 -1.74
C TRP B 249 -9.13 -6.83 -1.93
N ILE B 250 -8.61 -6.59 -3.13
CA ILE B 250 -7.17 -6.83 -3.41
C ILE B 250 -6.32 -6.04 -2.41
N GLN B 251 -6.69 -4.79 -2.17
CA GLN B 251 -5.96 -3.95 -1.21
C GLN B 251 -5.99 -4.60 0.18
N LYS B 252 -7.16 -5.12 0.54
CA LYS B 252 -7.38 -5.75 1.82
C LYS B 252 -6.48 -6.95 2.08
N VAL B 253 -6.24 -7.79 1.08
CA VAL B 253 -5.37 -8.94 1.31
C VAL B 253 -3.88 -8.57 1.34
N ILE B 254 -3.47 -7.70 0.44
CA ILE B 254 -2.08 -7.26 0.37
C ILE B 254 -1.89 -6.12 1.39
N ASP B 255 -2.31 -6.35 2.63
CA ASP B 255 -2.21 -5.31 3.64
C ASP B 255 -2.42 -5.79 5.09
N TYR C 8 -23.38 -23.86 -11.02
CA TYR C 8 -23.07 -23.01 -12.20
C TYR C 8 -23.37 -23.80 -13.47
N GLY C 14 -18.64 -22.10 -18.73
CA GLY C 14 -17.55 -23.07 -18.53
C GLY C 14 -16.32 -22.46 -17.90
N VAL C 15 -15.90 -23.06 -16.79
CA VAL C 15 -14.75 -22.65 -16.01
C VAL C 15 -13.58 -22.92 -16.97
N ARG C 16 -12.97 -21.85 -17.45
CA ARG C 16 -11.86 -21.96 -18.40
C ARG C 16 -10.62 -22.73 -17.93
N GLY C 17 -10.76 -23.47 -16.84
CA GLY C 17 -9.66 -24.28 -16.36
C GLY C 17 -9.45 -25.33 -17.44
N PRO C 18 -8.33 -26.07 -17.41
CA PRO C 18 -8.00 -27.11 -18.40
C PRO C 18 -8.95 -28.32 -18.57
N ALA D 20 10.16 -2.68 7.22
CA ALA D 20 11.06 -3.82 7.57
C ALA D 20 12.42 -3.32 8.02
N ASP D 21 12.72 -2.08 7.66
CA ASP D 21 14.00 -1.46 8.03
C ASP D 21 13.70 -0.27 8.97
N CYS D 22 12.41 0.01 9.15
CA CYS D 22 11.92 1.10 9.98
C CYS D 22 12.37 0.92 11.42
N GLY D 23 12.30 1.98 12.21
CA GLY D 23 12.67 1.88 13.61
C GLY D 23 14.13 1.56 13.88
N LEU D 24 14.94 1.52 12.83
CA LEU D 24 16.37 1.21 12.97
C LEU D 24 17.24 2.43 12.66
N ARG D 25 17.85 3.01 13.68
CA ARG D 25 18.70 4.17 13.45
C ARG D 25 20.08 3.78 12.96
N PRO D 26 20.40 4.16 11.73
CA PRO D 26 21.68 3.86 11.11
C PRO D 26 22.86 4.38 11.95
N LEU D 27 22.64 5.46 12.68
CA LEU D 27 23.70 6.03 13.51
C LEU D 27 23.76 5.48 14.94
N PHE D 28 22.77 4.66 15.30
CA PHE D 28 22.73 4.08 16.62
C PHE D 28 22.51 2.59 16.49
N GLU D 29 21.24 2.17 16.42
CA GLU D 29 20.85 0.75 16.31
C GLU D 29 21.71 -0.15 15.44
N LYS D 30 21.98 0.31 14.22
CA LYS D 30 22.79 -0.45 13.27
C LYS D 30 24.28 -0.41 13.68
N LYS D 31 24.76 0.78 14.00
CA LYS D 31 26.13 0.92 14.44
C LYS D 31 26.26 0.39 15.87
N GLN D 32 25.20 -0.25 16.37
CA GLN D 32 25.14 -0.80 17.72
C GLN D 32 25.67 0.17 18.79
N VAL D 33 25.26 1.43 18.66
CA VAL D 33 25.62 2.50 19.58
C VAL D 33 24.39 2.87 20.41
N GLN D 34 24.59 3.55 21.53
CA GLN D 34 23.48 3.95 22.36
C GLN D 34 23.44 5.44 22.64
N ASP D 35 22.24 6.00 22.69
CA ASP D 35 22.07 7.41 22.94
C ASP D 35 21.88 7.70 24.44
N GLN D 36 22.28 8.90 24.83
CA GLN D 36 22.25 9.37 26.22
C GLN D 36 21.03 9.15 27.11
N THR D 37 19.88 8.77 26.58
CA THR D 37 18.71 8.62 27.43
C THR D 37 17.96 7.29 27.27
N GLU D 38 18.48 6.47 26.37
CA GLU D 38 17.92 5.18 26.03
C GLU D 38 17.65 4.26 27.23
N LYS D 39 18.58 4.23 28.19
CA LYS D 39 18.46 3.36 29.37
C LYS D 39 17.28 3.71 30.28
N GLU D 40 16.88 4.98 30.29
CA GLU D 40 15.77 5.40 31.11
C GLU D 40 14.47 4.90 30.53
N LEU D 41 14.51 4.43 29.28
CA LEU D 41 13.30 3.89 28.65
C LEU D 41 13.21 2.41 29.02
N PHE D 42 14.36 1.74 29.11
CA PHE D 42 14.38 0.32 29.49
C PHE D 42 14.13 0.11 30.97
N GLU D 43 14.70 0.99 31.79
CA GLU D 43 14.52 0.90 33.22
C GLU D 43 13.05 1.04 33.62
N SER D 44 12.26 1.73 32.80
CA SER D 44 10.85 1.93 33.12
C SER D 44 10.05 0.65 32.92
N TYR D 45 10.61 -0.29 32.17
CA TYR D 45 9.95 -1.57 31.92
C TYR D 45 10.16 -2.49 33.08
N ILE D 46 11.34 -2.45 33.66
CA ILE D 46 11.68 -3.30 34.79
C ILE D 46 11.34 -2.76 36.18
N GLU D 47 11.57 -1.46 36.42
CA GLU D 47 11.33 -0.85 37.72
C GLU D 47 10.07 -1.34 38.42
N GLY D 48 10.30 -1.97 39.58
CA GLY D 48 9.24 -2.57 40.39
C GLY D 48 7.94 -1.82 40.62
N ILE E 1 9.56 21.89 23.36
CA ILE E 1 9.72 20.89 24.46
C ILE E 1 10.17 21.58 25.75
N VAL E 2 9.35 21.45 26.77
CA VAL E 2 9.61 22.03 28.08
C VAL E 2 10.33 21.01 28.94
N GLU E 3 11.45 21.43 29.51
CA GLU E 3 12.31 20.63 30.39
C GLU E 3 13.01 19.45 29.70
N GLY E 4 13.25 19.60 28.40
CA GLY E 4 13.91 18.56 27.64
C GLY E 4 15.16 19.07 26.94
N GLN E 5 16.24 18.30 27.01
CA GLN E 5 17.54 18.61 26.42
C GLN E 5 17.75 18.54 24.88
N ASP E 6 18.89 19.10 24.45
CA ASP E 6 19.33 19.13 23.04
C ASP E 6 19.57 17.69 22.56
N ALA E 7 19.03 17.40 21.38
CA ALA E 7 19.14 16.08 20.77
C ALA E 7 20.50 15.75 20.20
N GLU E 8 20.76 14.45 20.11
CA GLU E 8 22.00 13.97 19.54
C GLU E 8 21.74 13.94 18.06
N VAL E 9 22.76 14.19 17.25
CA VAL E 9 22.61 14.18 15.79
C VAL E 9 22.24 12.79 15.28
N GLY E 10 21.14 12.69 14.56
CA GLY E 10 20.70 11.42 14.02
C GLY E 10 19.85 10.57 14.92
N LEU E 11 19.51 11.11 16.09
CA LEU E 11 18.70 10.41 17.10
C LEU E 11 17.27 10.17 16.64
N SER E 12 16.76 11.14 15.89
CA SER E 12 15.40 11.15 15.40
C SER E 12 15.44 11.39 13.89
N PRO E 13 15.62 10.31 13.09
CA PRO E 13 15.67 10.42 11.62
C PRO E 13 14.32 10.60 10.93
N TRP E 14 13.26 10.20 11.63
CA TRP E 14 11.88 10.29 11.16
C TRP E 14 11.21 11.61 11.55
N GLN E 15 12.00 12.52 12.11
CA GLN E 15 11.49 13.83 12.53
C GLN E 15 11.42 14.81 11.34
N VAL E 16 10.20 15.13 10.94
CA VAL E 16 9.93 16.05 9.85
C VAL E 16 9.55 17.43 10.38
N MET E 17 9.84 18.48 9.64
CA MET E 17 9.45 19.82 10.05
C MET E 17 8.41 20.28 9.05
N LEU E 18 7.27 20.73 9.55
CA LEU E 18 6.22 21.23 8.69
C LEU E 18 6.50 22.73 8.72
N PHE E 19 7.01 23.22 7.60
CA PHE E 19 7.43 24.61 7.44
C PHE E 19 6.54 25.36 6.49
N ARG E 20 6.62 26.69 6.54
CA ARG E 20 5.80 27.54 5.69
C ARG E 20 6.60 28.41 4.71
N LYS E 21 6.09 28.52 3.48
CA LYS E 21 6.72 29.31 2.41
C LYS E 21 6.57 30.83 2.55
N SER E 22 5.32 31.27 2.61
CA SER E 22 4.96 32.68 2.71
C SER E 22 3.73 32.79 3.60
N PRO E 23 3.90 33.27 4.84
CA PRO E 23 5.21 33.67 5.38
C PRO E 23 6.00 32.42 5.75
N GLN E 24 7.28 32.56 6.03
CA GLN E 24 8.05 31.39 6.44
C GLN E 24 7.62 31.15 7.87
N GLU E 25 7.56 29.89 8.29
CA GLU E 25 7.11 29.58 9.63
C GLU E 25 7.11 28.10 9.95
N LEU E 26 7.70 27.76 11.09
CA LEU E 26 7.75 26.38 11.55
C LEU E 26 6.36 26.17 12.11
N LEU E 27 5.55 25.41 11.40
CA LEU E 27 4.21 25.13 11.84
C LEU E 27 4.17 24.01 12.86
N CYS E 28 4.55 22.83 12.41
CA CYS E 28 4.46 21.66 13.26
C CYS E 28 5.59 20.69 13.07
N GLY E 29 5.28 19.47 13.47
CA GLY E 29 6.18 18.35 13.37
C GLY E 29 5.35 17.25 12.72
N ALA E 30 6.04 16.25 12.20
CA ALA E 30 5.39 15.13 11.56
C ALA E 30 6.43 14.02 11.60
N SER E 31 6.07 12.85 11.11
CA SER E 31 7.01 11.75 11.15
C SER E 31 7.05 11.03 9.80
N LEU E 32 8.23 10.55 9.42
CA LEU E 32 8.37 9.83 8.16
C LEU E 32 7.96 8.40 8.40
N ILE E 33 6.93 7.94 7.72
CA ILE E 33 6.53 6.55 7.91
C ILE E 33 6.95 5.64 6.74
N SER E 34 7.52 6.24 5.70
CA SER E 34 7.98 5.53 4.50
C SER E 34 8.84 6.57 3.79
N ASP E 35 9.11 6.36 2.49
CA ASP E 35 9.89 7.35 1.74
C ASP E 35 9.05 8.32 0.95
N ARG E 36 7.75 8.08 1.02
CA ARG E 36 6.75 8.87 0.33
C ARG E 36 5.82 9.58 1.32
N TRP E 37 5.42 8.86 2.38
CA TRP E 37 4.47 9.38 3.38
C TRP E 37 4.95 9.97 4.72
N VAL E 38 4.33 11.08 5.08
CA VAL E 38 4.61 11.78 6.32
C VAL E 38 3.33 11.79 7.15
N LEU E 39 3.46 11.61 8.47
CA LEU E 39 2.32 11.60 9.39
C LEU E 39 2.30 12.87 10.26
N THR E 40 1.13 13.46 10.42
CA THR E 40 1.01 14.69 11.20
C THR E 40 -0.36 14.83 11.91
N ALA E 41 -0.57 15.95 12.57
CA ALA E 41 -1.83 16.19 13.29
C ALA E 41 -2.76 17.00 12.40
N ALA E 42 -4.00 16.58 12.32
CA ALA E 42 -4.95 17.28 11.50
C ALA E 42 -5.06 18.78 11.80
N HIS E 43 -4.98 19.16 13.07
CA HIS E 43 -5.10 20.58 13.46
C HIS E 43 -3.91 21.39 12.96
N CYS E 44 -2.84 20.67 12.61
CA CYS E 44 -1.65 21.33 12.11
C CYS E 44 -1.97 21.88 10.75
N LEU E 45 -2.93 21.25 10.08
CA LEU E 45 -3.34 21.62 8.74
C LEU E 45 -4.65 22.37 8.65
N LEU E 46 -5.61 21.97 9.48
CA LEU E 46 -6.95 22.53 9.47
C LEU E 46 -7.57 22.90 10.82
N TYR E 47 -7.79 24.18 11.04
CA TYR E 47 -8.44 24.64 12.25
C TYR E 47 -9.28 25.88 11.90
N PRO E 48 -10.55 25.65 11.52
CA PRO E 48 -11.55 26.66 11.13
C PRO E 48 -11.68 27.97 11.90
N PRO E 49 -11.74 27.92 13.26
CA PRO E 49 -11.85 29.17 14.02
C PRO E 49 -10.79 30.19 13.64
N TRP E 50 -9.63 29.72 13.17
CA TRP E 50 -8.59 30.67 12.81
C TRP E 50 -8.40 30.84 11.30
N ASP E 51 -9.34 30.34 10.51
CA ASP E 51 -9.25 30.43 9.05
C ASP E 51 -8.15 29.50 8.56
N LYS E 52 -7.68 28.60 9.43
CA LYS E 52 -6.62 27.67 9.06
C LYS E 52 -7.06 26.45 8.24
N ASN E 53 -6.75 26.49 6.96
CA ASN E 53 -7.03 25.40 6.02
C ASN E 53 -5.87 25.46 5.03
N PHE E 54 -4.78 24.81 5.40
CA PHE E 54 -3.60 24.79 4.56
C PHE E 54 -3.72 23.76 3.45
N THR E 55 -3.27 24.15 2.27
CA THR E 55 -3.28 23.30 1.10
C THR E 55 -1.84 22.94 0.74
N VAL E 56 -1.70 22.10 -0.29
CA VAL E 56 -0.41 21.64 -0.80
C VAL E 56 0.62 22.73 -1.11
N ASP E 57 0.18 23.92 -1.52
CA ASP E 57 1.12 24.99 -1.87
C ASP E 57 1.54 25.94 -0.79
N ASP E 58 1.15 25.68 0.46
CA ASP E 58 1.49 26.60 1.55
C ASP E 58 2.52 25.97 2.47
N LEU E 59 2.98 24.77 2.12
CA LEU E 59 3.93 24.03 2.95
C LEU E 59 5.11 23.38 2.23
N LEU E 60 6.22 23.34 2.95
CA LEU E 60 7.46 22.70 2.50
C LEU E 60 7.67 21.73 3.64
N VAL E 61 8.23 20.57 3.34
CA VAL E 61 8.48 19.56 4.34
C VAL E 61 10.00 19.41 4.38
N ARG E 62 10.59 19.82 5.50
CA ARG E 62 12.03 19.75 5.67
C ARG E 62 12.40 18.50 6.45
N ILE E 63 13.26 17.66 5.86
CA ILE E 63 13.68 16.42 6.52
C ILE E 63 15.19 16.39 6.80
N GLY E 64 15.60 15.54 7.74
CA GLY E 64 17.00 15.42 8.10
C GLY E 64 17.61 16.62 8.83
N LYS E 65 16.78 17.37 9.55
CA LYS E 65 17.26 18.55 10.26
C LYS E 65 17.67 18.35 11.71
N HIS E 66 18.29 19.38 12.29
CA HIS E 66 18.70 19.37 13.68
C HIS E 66 18.65 20.78 14.21
N SER E 67 18.74 21.76 13.31
CA SER E 67 18.69 23.16 13.70
C SER E 67 17.35 23.80 13.34
N ARG E 68 16.67 24.35 14.35
CA ARG E 68 15.38 25.01 14.13
C ARG E 68 15.53 26.05 13.04
N THR E 69 16.48 26.95 13.30
CA THR E 69 16.81 28.12 12.48
C THR E 69 17.71 27.93 11.23
N ARG E 70 18.10 26.70 10.90
CA ARG E 70 19.01 26.57 9.76
C ARG E 70 18.96 25.43 8.73
N TYR E 71 19.31 25.81 7.50
CA TYR E 71 19.39 24.93 6.36
C TYR E 71 20.73 24.20 6.45
N GLU E 72 20.74 22.90 6.19
CA GLU E 72 21.97 22.12 6.29
C GLU E 72 22.14 21.24 5.03
N ARG E 73 22.63 21.91 3.99
CA ARG E 73 22.88 21.35 2.66
C ARG E 73 23.33 19.89 2.52
N LYS E 74 24.04 19.37 3.51
CA LYS E 74 24.56 18.00 3.47
C LYS E 74 23.56 16.96 3.96
N VAL E 75 22.77 17.37 4.97
CA VAL E 75 21.81 16.51 5.63
C VAL E 75 20.33 16.76 5.32
N GLU E 76 19.97 18.02 5.10
CA GLU E 76 18.60 18.41 4.84
C GLU E 76 18.03 18.14 3.47
N LYS E 77 16.83 17.61 3.49
CA LYS E 77 16.07 17.33 2.29
C LYS E 77 14.86 18.22 2.45
N ILE E 78 14.23 18.54 1.34
CA ILE E 78 13.06 19.38 1.34
C ILE E 78 12.12 18.66 0.39
N SER E 79 10.87 19.06 0.35
CA SER E 79 9.91 18.41 -0.51
C SER E 79 8.62 19.17 -0.49
N MET E 80 7.88 19.01 -1.57
CA MET E 80 6.57 19.62 -1.66
C MET E 80 5.72 18.38 -1.57
N LEU E 81 4.45 18.57 -1.23
CA LEU E 81 3.54 17.46 -1.07
C LEU E 81 2.77 17.21 -2.34
N ASP E 82 2.13 16.07 -2.41
CA ASP E 82 1.37 15.71 -3.58
C ASP E 82 -0.07 15.82 -3.12
N LYS E 83 -0.34 15.16 -1.99
CA LYS E 83 -1.66 15.18 -1.41
C LYS E 83 -1.64 15.22 0.12
N ILE E 84 -2.74 15.69 0.69
CA ILE E 84 -2.92 15.82 2.12
C ILE E 84 -4.18 15.04 2.47
N TYR E 85 -4.11 14.28 3.55
CA TYR E 85 -5.21 13.43 4.01
C TYR E 85 -5.61 13.66 5.47
N ILE E 86 -6.45 14.66 5.72
CA ILE E 86 -6.92 14.90 7.09
C ILE E 86 -7.97 13.81 7.36
N HIS E 87 -8.40 13.65 8.61
CA HIS E 87 -9.38 12.62 8.93
C HIS E 87 -10.81 13.12 8.81
N PRO E 88 -11.70 12.32 8.18
CA PRO E 88 -13.11 12.69 8.00
C PRO E 88 -13.89 12.92 9.30
N ARG E 89 -13.73 12.00 10.23
CA ARG E 89 -14.39 12.07 11.53
C ARG E 89 -13.54 12.82 12.56
N TYR E 90 -12.77 13.80 12.11
CA TYR E 90 -11.92 14.60 13.01
C TYR E 90 -12.75 15.71 13.68
N ASN E 91 -12.86 15.64 15.00
CA ASN E 91 -13.67 16.62 15.75
C ASN E 91 -12.89 17.85 16.24
N TRP E 92 -12.75 18.88 15.41
CA TRP E 92 -12.04 20.09 15.83
C TRP E 92 -12.81 20.90 16.86
N LYS E 93 -14.12 20.92 16.69
CA LYS E 93 -15.05 21.66 17.54
C LYS E 93 -15.05 21.39 19.07
N GLU E 94 -14.69 20.18 19.47
CA GLU E 94 -14.80 19.85 20.88
C GLU E 94 -13.65 19.21 21.64
N ASN E 95 -12.93 18.30 21.00
CA ASN E 95 -11.84 17.64 21.71
C ASN E 95 -10.66 17.22 20.85
N LEU E 96 -10.65 17.61 19.58
CA LEU E 96 -9.54 17.23 18.68
C LEU E 96 -9.46 15.71 18.58
N ASP E 97 -10.62 15.08 18.50
CA ASP E 97 -10.70 13.64 18.40
C ASP E 97 -10.32 13.32 16.96
N ARG E 98 -9.53 12.27 16.77
CA ARG E 98 -9.05 11.84 15.46
C ARG E 98 -8.24 12.93 14.77
N ASP E 99 -7.23 13.38 15.53
CA ASP E 99 -6.30 14.42 15.13
C ASP E 99 -5.09 13.71 14.50
N ILE E 100 -5.22 13.37 13.21
CA ILE E 100 -4.17 12.66 12.46
C ILE E 100 -4.29 13.04 11.00
N ALA E 101 -3.16 13.22 10.33
CA ALA E 101 -3.21 13.60 8.93
C ALA E 101 -2.00 13.15 8.14
N LEU E 102 -2.27 12.69 6.93
CA LEU E 102 -1.25 12.20 6.03
C LEU E 102 -0.88 13.22 4.97
N LEU E 103 0.38 13.19 4.58
CA LEU E 103 0.92 14.08 3.58
C LEU E 103 1.76 13.19 2.67
N LYS E 104 1.37 13.10 1.41
CA LYS E 104 2.13 12.32 0.43
C LYS E 104 3.13 13.32 -0.14
N LEU E 105 4.41 12.93 -0.21
CA LEU E 105 5.44 13.82 -0.75
C LEU E 105 5.30 13.74 -2.29
N LYS E 106 5.71 14.79 -2.99
CA LYS E 106 5.62 14.80 -4.45
C LYS E 106 6.47 13.66 -4.99
N ARG E 107 7.66 13.51 -4.41
CA ARG E 107 8.60 12.48 -4.83
C ARG E 107 9.19 11.77 -3.60
N PRO E 108 9.38 10.44 -3.69
CA PRO E 108 9.93 9.62 -2.60
C PRO E 108 11.36 10.00 -2.17
N ILE E 109 11.45 10.54 -0.96
CA ILE E 109 12.72 11.00 -0.39
C ILE E 109 13.86 9.96 -0.28
N GLU E 110 15.11 10.47 -0.25
CA GLU E 110 16.28 9.61 -0.16
C GLU E 110 16.64 9.25 1.29
N LEU E 111 16.52 7.97 1.64
CA LEU E 111 16.91 7.58 2.99
C LEU E 111 18.41 7.84 3.14
N SER E 112 18.78 8.49 4.22
CA SER E 112 20.16 8.83 4.49
C SER E 112 20.58 8.37 5.89
N ASP E 113 21.69 8.92 6.39
CA ASP E 113 22.19 8.63 7.74
C ASP E 113 21.27 9.38 8.71
N TYR E 114 20.57 10.38 8.18
CA TYR E 114 19.70 11.23 8.97
C TYR E 114 18.25 11.26 8.51
N ILE E 115 17.89 10.36 7.60
CA ILE E 115 16.52 10.27 7.08
C ILE E 115 16.12 8.80 7.13
N HIS E 116 15.12 8.48 7.93
CA HIS E 116 14.69 7.10 8.07
C HIS E 116 13.35 6.96 8.82
N PRO E 117 12.46 6.09 8.33
CA PRO E 117 11.16 5.87 8.95
C PRO E 117 11.17 5.14 10.31
N VAL E 118 10.05 5.28 11.00
CA VAL E 118 9.78 4.68 12.30
C VAL E 118 8.65 3.69 11.97
N CYS E 119 8.38 2.72 12.83
CA CYS E 119 7.31 1.76 12.51
C CYS E 119 5.98 2.07 13.20
N LEU E 120 4.89 1.71 12.53
CA LEU E 120 3.53 1.90 13.04
C LEU E 120 3.27 0.65 13.86
N PRO E 121 2.70 0.78 15.07
CA PRO E 121 2.46 -0.38 15.92
C PRO E 121 1.55 -1.48 15.39
N ASP E 122 1.54 -2.57 16.13
CA ASP E 122 0.70 -3.73 15.84
C ASP E 122 0.17 -4.21 17.19
N LYS E 123 -0.87 -5.04 17.19
CA LYS E 123 -1.44 -5.56 18.44
C LYS E 123 -0.42 -5.96 19.47
N GLN E 124 0.41 -6.95 19.19
CA GLN E 124 1.40 -7.37 20.18
C GLN E 124 2.25 -6.23 20.74
N THR E 125 2.89 -5.47 19.87
CA THR E 125 3.71 -4.33 20.26
C THR E 125 2.89 -3.36 21.13
N ALA E 126 1.68 -3.01 20.68
CA ALA E 126 0.82 -2.09 21.42
C ALA E 126 0.47 -2.71 22.77
N ALA E 127 -0.09 -3.92 22.70
CA ALA E 127 -0.51 -4.71 23.87
C ALA E 127 0.52 -4.81 24.97
N LYS E 128 1.79 -4.82 24.60
CA LYS E 128 2.86 -4.91 25.58
C LYS E 128 3.53 -3.59 25.90
N LEU E 129 3.60 -2.67 24.93
CA LEU E 129 4.23 -1.39 25.17
C LEU E 129 3.32 -0.41 25.95
N LEU E 130 2.09 -0.24 25.50
CA LEU E 130 1.19 0.70 26.15
C LEU E 130 0.85 0.39 27.60
N HIS E 131 1.76 0.72 28.53
CA HIS E 131 1.53 0.48 29.96
C HIS E 131 1.88 1.68 30.85
N ALA E 132 0.93 2.09 31.69
CA ALA E 132 1.14 3.21 32.60
C ALA E 132 2.44 2.92 33.29
N GLY E 133 3.30 3.93 33.32
CA GLY E 133 4.60 3.79 33.94
C GLY E 133 5.67 3.74 32.87
N PHE E 134 5.38 3.00 31.80
CA PHE E 134 6.33 2.87 30.69
C PHE E 134 6.51 4.25 30.11
N LYS E 135 7.76 4.59 29.79
CA LYS E 135 8.09 5.87 29.20
C LYS E 135 8.19 5.79 27.69
N GLY E 136 8.09 6.96 27.07
CA GLY E 136 8.16 7.12 25.63
C GLY E 136 8.81 8.46 25.45
N ARG E 137 9.41 8.68 24.31
CA ARG E 137 10.13 9.92 24.07
C ARG E 137 9.40 10.86 23.12
N VAL E 138 9.58 12.16 23.32
CA VAL E 138 9.00 13.21 22.45
C VAL E 138 10.18 14.11 21.94
N THR E 139 10.00 14.67 20.75
CA THR E 139 11.00 15.52 20.13
C THR E 139 10.28 16.61 19.32
N GLY E 140 10.98 17.70 19.03
CA GLY E 140 10.39 18.78 18.27
C GLY E 140 11.13 20.06 18.61
N TRP E 141 10.97 21.09 17.78
CA TRP E 141 11.63 22.37 18.02
C TRP E 141 10.69 23.37 18.66
N GLY E 142 9.57 22.89 19.19
CA GLY E 142 8.63 23.76 19.87
C GLY E 142 9.23 24.50 21.06
N ASN E 143 8.44 25.37 21.67
CA ASN E 143 8.89 26.18 22.80
C ASN E 143 9.40 25.50 24.08
N ARG E 144 10.49 26.08 24.59
CA ARG E 144 11.15 25.65 25.82
C ARG E 144 10.33 26.07 27.06
N ARG E 145 9.37 26.95 26.83
CA ARG E 145 8.49 27.41 27.90
C ARG E 145 7.20 27.88 27.29
N GLU E 146 6.18 27.89 28.12
CA GLU E 146 4.87 28.34 27.68
C GLU E 146 4.92 29.86 27.64
N VAL F 5 13.45 30.55 24.87
CA VAL F 5 12.10 29.99 24.59
C VAL F 5 12.09 29.17 23.29
N GLN F 6 12.81 29.63 22.28
CA GLN F 6 12.89 28.89 21.04
C GLN F 6 14.22 28.17 21.01
N PRO F 7 14.20 26.87 20.67
CA PRO F 7 15.38 26.00 20.58
C PRO F 7 16.24 26.13 19.35
N SER F 8 17.54 26.13 19.58
CA SER F 8 18.49 26.21 18.50
C SER F 8 18.38 24.88 17.74
N VAL F 9 18.29 23.79 18.50
CA VAL F 9 18.20 22.47 17.90
C VAL F 9 17.09 21.61 18.50
N LEU F 10 16.86 20.49 17.82
CA LEU F 10 15.88 19.50 18.20
C LEU F 10 16.04 19.18 19.69
N GLN F 11 14.96 19.32 20.46
CA GLN F 11 14.94 19.00 21.89
C GLN F 11 14.41 17.57 22.09
N VAL F 12 14.66 17.00 23.26
CA VAL F 12 14.18 15.65 23.55
C VAL F 12 13.70 15.57 24.97
N VAL F 13 12.74 14.67 25.20
CA VAL F 13 12.22 14.42 26.55
C VAL F 13 11.46 13.10 26.57
N ASN F 14 11.78 12.26 27.53
CA ASN F 14 11.10 11.00 27.68
C ASN F 14 10.03 11.23 28.75
N LEU F 15 8.77 10.89 28.45
CA LEU F 15 7.66 11.03 29.41
C LEU F 15 6.93 9.70 29.67
N PRO F 16 6.50 9.49 30.93
CA PRO F 16 5.76 8.29 31.36
C PRO F 16 4.29 8.29 30.91
N LEU F 17 3.74 7.09 30.73
CA LEU F 17 2.35 6.94 30.34
C LEU F 17 1.55 6.95 31.66
N VAL F 18 0.48 7.73 31.66
CA VAL F 18 -0.34 7.89 32.83
C VAL F 18 -1.58 7.04 32.68
N GLU F 19 -2.13 6.56 33.79
CA GLU F 19 -3.33 5.75 33.75
C GLU F 19 -4.53 6.63 33.50
N ARG F 20 -5.31 6.18 32.53
CA ARG F 20 -6.50 6.83 32.05
C ARG F 20 -7.46 7.51 33.01
N PRO F 21 -7.76 6.89 34.17
CA PRO F 21 -8.67 7.63 35.05
C PRO F 21 -7.99 8.92 35.48
N VAL F 22 -6.67 8.89 35.60
CA VAL F 22 -5.94 10.11 35.96
C VAL F 22 -6.12 11.12 34.78
N CYS F 23 -5.99 10.60 33.55
CA CYS F 23 -6.14 11.41 32.36
C CYS F 23 -7.51 12.09 32.29
N LYS F 24 -8.63 11.34 32.31
CA LYS F 24 -9.99 11.94 32.28
C LYS F 24 -10.09 12.98 33.37
N ALA F 25 -9.85 12.53 34.60
CA ALA F 25 -9.89 13.40 35.76
C ALA F 25 -9.04 14.66 35.57
N SER F 26 -7.83 14.53 35.05
CA SER F 26 -6.96 15.70 34.83
C SER F 26 -7.60 16.87 34.07
N THR F 27 -8.67 16.60 33.32
CA THR F 27 -9.23 17.60 32.44
C THR F 27 -10.76 17.67 32.36
N ARG F 28 -11.26 18.77 31.80
CA ARG F 28 -12.69 19.02 31.62
C ARG F 28 -13.09 18.63 30.20
N ILE F 29 -12.09 18.50 29.33
CA ILE F 29 -12.33 18.16 27.95
C ILE F 29 -12.67 16.67 27.88
N ARG F 30 -13.60 16.31 26.99
CA ARG F 30 -14.04 14.93 26.85
C ARG F 30 -13.07 13.95 26.19
N ILE F 31 -12.30 13.26 27.00
CA ILE F 31 -11.35 12.29 26.49
C ILE F 31 -12.05 11.13 25.77
N THR F 32 -11.37 10.56 24.81
CA THR F 32 -11.90 9.46 24.02
C THR F 32 -10.83 8.34 23.93
N ASP F 33 -11.18 7.19 23.34
CA ASP F 33 -10.18 6.11 23.25
C ASP F 33 -9.10 6.27 22.17
N ASN F 34 -9.15 7.35 21.40
CA ASN F 34 -8.16 7.61 20.34
C ASN F 34 -7.25 8.69 20.85
N MET F 35 -7.25 8.85 22.17
CA MET F 35 -6.48 9.87 22.86
C MET F 35 -5.73 9.17 23.99
N PHE F 36 -4.60 9.73 24.43
CA PHE F 36 -3.89 9.17 25.58
C PHE F 36 -2.99 10.22 26.17
N CYS F 37 -2.71 10.13 27.47
CA CYS F 37 -1.90 11.15 28.09
C CYS F 37 -0.58 10.70 28.70
N ALA F 38 0.33 11.64 28.79
CA ALA F 38 1.60 11.33 29.36
C ALA F 38 2.12 12.53 30.11
N GLY F 39 3.08 12.26 30.99
CA GLY F 39 3.70 13.29 31.78
C GLY F 39 3.81 12.85 33.23
N TYR F 40 4.53 13.63 34.03
CA TYR F 40 4.64 13.27 35.42
C TYR F 40 3.45 13.85 36.18
N LYS F 41 3.19 13.25 37.33
CA LYS F 41 2.13 13.67 38.21
C LYS F 41 2.84 14.59 39.19
N PRO F 42 2.09 15.57 39.76
CA PRO F 42 2.67 16.52 40.71
C PRO F 42 3.72 16.03 41.70
N GLY F 43 3.46 14.93 42.39
CA GLY F 43 4.42 14.48 43.38
C GLY F 43 5.69 13.82 42.92
N GLU F 44 5.75 13.39 41.66
CA GLU F 44 6.95 12.70 41.16
C GLU F 44 8.17 13.58 41.08
N GLY F 45 7.96 14.89 41.28
CA GLY F 45 9.04 15.87 41.21
C GLY F 45 9.93 15.67 40.00
N LYS F 46 9.37 15.85 38.81
CA LYS F 46 10.11 15.69 37.56
C LYS F 46 9.20 16.38 36.56
N ARG F 47 9.79 17.15 35.63
CA ARG F 47 9.05 17.94 34.63
C ARG F 47 9.24 17.53 33.20
N GLY F 48 8.58 18.23 32.28
CA GLY F 48 8.69 17.93 30.85
C GLY F 48 7.36 17.79 30.12
N ASP F 49 7.23 18.42 28.96
CA ASP F 49 5.98 18.37 28.18
C ASP F 49 6.32 18.83 26.77
N ALA F 50 5.39 18.65 25.85
CA ALA F 50 5.55 19.16 24.50
C ALA F 50 5.19 20.67 24.65
N CYS F 51 4.83 21.36 23.57
CA CYS F 51 4.49 22.76 23.65
C CYS F 51 4.36 23.33 22.24
N GLU F 52 4.02 24.60 22.08
CA GLU F 52 3.88 25.22 20.75
C GLU F 52 4.96 24.86 19.74
N GLY F 53 4.57 24.21 18.64
CA GLY F 53 5.54 23.83 17.63
C GLY F 53 6.02 22.39 17.71
N ASP F 54 5.65 21.69 18.80
CA ASP F 54 5.98 20.26 19.00
C ASP F 54 4.74 19.47 18.58
N SER F 55 3.65 20.21 18.41
CA SER F 55 2.35 19.67 18.01
C SER F 55 2.46 18.98 16.68
N GLY F 56 1.95 17.75 16.59
CA GLY F 56 2.02 17.04 15.33
C GLY F 56 3.15 16.06 15.32
N GLY F 57 4.12 16.23 16.21
CA GLY F 57 5.26 15.33 16.26
C GLY F 57 4.93 13.98 16.89
N PRO F 58 5.86 13.02 16.82
CA PRO F 58 5.61 11.70 17.39
C PRO F 58 5.88 11.53 18.89
N PHE F 59 5.41 10.40 19.42
CA PHE F 59 5.67 9.99 20.78
C PHE F 59 6.03 8.58 20.39
N VAL F 60 7.29 8.25 20.58
CA VAL F 60 7.79 6.95 20.19
C VAL F 60 8.20 6.12 21.41
N MET F 61 8.13 4.79 21.27
CA MET F 61 8.51 3.88 22.33
C MET F 61 9.31 2.83 21.65
N LYS F 62 10.31 2.28 22.33
CA LYS F 62 11.20 1.28 21.74
C LYS F 62 10.91 -0.13 22.20
N SER F 63 10.57 -1.00 21.24
CA SER F 63 10.26 -2.37 21.57
C SER F 63 11.41 -3.13 22.21
N PRO F 64 11.19 -3.66 23.42
CA PRO F 64 12.22 -4.41 24.16
C PRO F 64 12.47 -5.78 23.51
N TYR F 65 11.53 -6.18 22.65
CA TYR F 65 11.59 -7.45 21.95
C TYR F 65 12.44 -7.38 20.69
N ASN F 66 12.65 -6.16 20.19
CA ASN F 66 13.48 -5.94 18.99
C ASN F 66 13.76 -4.44 18.91
N ASN F 67 14.96 -4.04 19.33
CA ASN F 67 15.41 -2.64 19.34
C ASN F 67 14.85 -1.71 18.26
N ARG F 68 13.54 -1.56 18.20
CA ARG F 68 12.94 -0.72 17.17
C ARG F 68 11.96 0.25 17.76
N TRP F 69 12.10 1.49 17.31
CA TRP F 69 11.27 2.60 17.70
C TRP F 69 9.95 2.59 16.96
N TYR F 70 8.87 2.58 17.73
CA TYR F 70 7.51 2.59 17.19
C TYR F 70 6.85 3.95 17.49
N GLN F 71 6.00 4.42 16.60
CA GLN F 71 5.30 5.68 16.89
C GLN F 71 4.03 5.22 17.57
N MET F 72 3.90 5.53 18.85
CA MET F 72 2.73 5.09 19.59
C MET F 72 1.59 6.14 19.57
N GLY F 73 1.97 7.41 19.41
CA GLY F 73 0.98 8.46 19.37
C GLY F 73 1.54 9.70 18.73
N ILE F 74 0.71 10.72 18.58
CA ILE F 74 1.15 11.97 17.97
C ILE F 74 0.76 13.07 18.95
N VAL F 75 1.67 14.00 19.17
CA VAL F 75 1.39 15.10 20.06
C VAL F 75 0.23 15.90 19.47
N SER F 76 -0.89 15.89 20.18
CA SER F 76 -2.10 16.58 19.75
C SER F 76 -2.38 17.87 20.52
N TRP F 77 -2.88 17.72 21.74
CA TRP F 77 -3.20 18.87 22.57
C TRP F 77 -2.69 18.76 24.01
N GLY F 78 -3.14 19.70 24.83
CA GLY F 78 -2.79 19.78 26.23
C GLY F 78 -3.23 21.17 26.68
N GLU F 79 -3.30 21.42 27.98
CA GLU F 79 -3.65 22.76 28.46
C GLU F 79 -2.34 23.39 28.94
N GLY F 80 -1.79 24.26 28.11
CA GLY F 80 -0.53 24.88 28.43
C GLY F 80 0.60 23.91 28.13
N CYS F 81 1.73 24.06 28.82
CA CYS F 81 2.85 23.17 28.65
C CYS F 81 3.41 23.06 30.06
N ASP F 82 3.60 21.84 30.52
CA ASP F 82 4.16 21.53 31.83
C ASP F 82 3.55 22.16 33.10
N ARG F 83 2.23 22.24 33.18
CA ARG F 83 1.68 22.78 34.42
C ARG F 83 1.11 21.68 35.29
N ASP F 84 1.50 21.69 36.56
CA ASP F 84 1.08 20.71 37.57
C ASP F 84 -0.39 20.31 37.44
N GLY F 85 -0.63 19.01 37.41
CA GLY F 85 -1.99 18.52 37.34
C GLY F 85 -2.52 18.26 35.95
N LYS F 86 -1.80 18.71 34.95
CA LYS F 86 -2.17 18.54 33.55
C LYS F 86 -1.16 17.59 32.90
N TYR F 87 -1.58 16.94 31.81
CA TYR F 87 -0.73 16.00 31.06
C TYR F 87 -0.91 16.29 29.57
N GLY F 88 0.01 15.78 28.77
CA GLY F 88 -0.09 15.96 27.32
C GLY F 88 -0.95 14.88 26.70
N PHE F 89 -1.78 15.28 25.72
CA PHE F 89 -2.66 14.34 25.03
C PHE F 89 -2.15 13.93 23.66
N TYR F 90 -2.15 12.62 23.40
CA TYR F 90 -1.60 12.08 22.16
C TYR F 90 -2.55 11.22 21.36
N THR F 91 -2.66 11.49 20.06
CA THR F 91 -3.53 10.70 19.18
C THR F 91 -3.02 9.29 19.36
N HIS F 92 -3.93 8.34 19.45
CA HIS F 92 -3.57 6.97 19.62
C HIS F 92 -3.40 6.40 18.22
N VAL F 93 -2.17 6.45 17.72
CA VAL F 93 -1.84 5.99 16.36
C VAL F 93 -2.35 4.60 16.03
N PHE F 94 -2.27 3.68 16.99
CA PHE F 94 -2.73 2.31 16.79
C PHE F 94 -4.26 2.16 16.58
N ARG F 95 -5.08 2.88 17.36
CA ARG F 95 -6.55 2.82 17.21
C ARG F 95 -6.95 3.23 15.78
N LEU F 96 -6.26 4.24 15.26
CA LEU F 96 -6.50 4.76 13.92
C LEU F 96 -5.53 4.15 12.92
N LYS F 97 -4.97 2.99 13.25
CA LYS F 97 -4.02 2.40 12.31
C LYS F 97 -4.67 1.90 11.00
N LYS F 98 -5.85 1.28 11.11
CA LYS F 98 -6.57 0.79 9.94
C LYS F 98 -6.97 1.90 8.97
N TRP F 99 -7.18 3.10 9.50
CA TRP F 99 -7.51 4.24 8.64
C TRP F 99 -6.26 4.55 7.82
N ILE F 100 -5.12 4.60 8.51
CA ILE F 100 -3.85 4.90 7.84
C ILE F 100 -3.61 3.94 6.68
N GLN F 101 -4.19 2.73 6.78
CA GLN F 101 -4.06 1.73 5.73
C GLN F 101 -4.74 2.18 4.43
N LYS F 102 -6.03 2.44 4.49
CA LYS F 102 -6.78 2.88 3.34
C LYS F 102 -6.25 4.17 2.73
N VAL F 103 -5.88 5.12 3.57
CA VAL F 103 -5.37 6.38 3.03
C VAL F 103 -3.88 6.45 2.68
N ILE F 104 -3.19 5.30 2.68
CA ILE F 104 -1.77 5.31 2.34
C ILE F 104 -1.43 4.60 1.05
N ASP F 105 -2.26 3.65 0.65
CA ASP F 105 -1.96 2.89 -0.56
C ASP F 105 -3.21 2.28 -1.18
N TYR G 8 -14.33 23.39 22.10
CA TYR G 8 -12.99 23.27 22.69
C TYR G 8 -12.72 24.56 23.48
N GLY G 14 -4.91 22.11 23.89
CA GLY G 14 -5.30 23.03 22.83
C GLY G 14 -4.41 22.86 21.62
N VAL G 15 -4.64 23.72 20.62
CA VAL G 15 -3.86 23.71 19.40
C VAL G 15 -2.46 24.17 19.85
N ARG G 16 -1.57 23.20 20.04
CA ARG G 16 -0.21 23.49 20.46
C ARG G 16 0.67 24.00 19.29
N GLY G 17 0.21 25.10 18.71
CA GLY G 17 0.89 25.73 17.59
C GLY G 17 1.03 27.22 17.90
N PRO G 18 1.82 27.97 17.10
CA PRO G 18 2.05 29.40 17.28
C PRO G 18 0.77 30.20 17.61
#